data_2OS3
#
_entry.id   2OS3
#
_cell.length_a   40.557
_cell.length_b   40.557
_cell.length_c   217.938
_cell.angle_alpha   90.00
_cell.angle_beta   90.00
_cell.angle_gamma   120.00
#
_symmetry.space_group_name_H-M   'P 31 2 1'
#
loop_
_entity.id
_entity.type
_entity.pdbx_description
1 polymer 'Peptide deformylase'
2 non-polymer 'COBALT (II) ION'
3 non-polymer ACTINONIN
4 water water
#
_entity_poly.entity_id   1
_entity_poly.type   'polypeptide(L)'
_entity_poly.pdbx_seq_one_letter_code
;SAQDKLIKPSHLITMDDIIREGNPTLRAVAKEVSLPLCDEDILLGEKMMQFLKHSQDPVMAEKLGLRAGVGLAAPQIDVS
KRIIAVLVPNLPDKEGNPPKEAYSWQEVLYNPKIVSHSVQDAALSDGEGCLSVDRVVEGYVVRHARVTVDYYDKEGQQHR
IKLKGYNAIVVQHEIDHINGVLFYDRINAKNPFETKEELLILDLE
;
_entity_poly.pdbx_strand_id   A
#
# COMPACT_ATOMS: atom_id res chain seq x y z
N SER A 1 4.15 -23.10 -5.64
CA SER A 1 3.20 -21.96 -5.65
C SER A 1 3.91 -20.67 -6.04
N ALA A 2 3.15 -19.58 -6.07
CA ALA A 2 3.71 -18.28 -6.43
C ALA A 2 4.71 -17.75 -5.41
N GLN A 3 4.35 -17.84 -4.13
CA GLN A 3 5.23 -17.35 -3.07
C GLN A 3 6.60 -18.00 -3.14
N ASP A 4 6.62 -19.29 -3.45
CA ASP A 4 7.87 -20.02 -3.56
C ASP A 4 8.79 -19.37 -4.57
N LYS A 5 8.25 -19.03 -5.74
CA LYS A 5 9.04 -18.39 -6.79
C LYS A 5 9.52 -16.99 -6.36
N LEU A 6 8.65 -16.27 -5.66
CA LEU A 6 8.95 -14.92 -5.21
C LEU A 6 10.07 -14.82 -4.19
N ILE A 7 10.15 -15.80 -3.29
CA ILE A 7 11.19 -15.78 -2.27
C ILE A 7 12.56 -16.30 -2.73
N LYS A 8 12.66 -16.71 -3.99
CA LYS A 8 13.95 -17.18 -4.52
C LYS A 8 14.94 -16.04 -4.28
N PRO A 9 16.08 -16.34 -3.64
CA PRO A 9 17.10 -15.33 -3.35
C PRO A 9 17.44 -14.37 -4.51
N SER A 10 17.59 -14.92 -5.71
CA SER A 10 17.95 -14.13 -6.88
C SER A 10 16.75 -13.55 -7.64
N HIS A 11 15.55 -13.80 -7.14
CA HIS A 11 14.36 -13.28 -7.81
C HIS A 11 14.05 -11.84 -7.44
N LEU A 12 13.75 -11.04 -8.47
CA LEU A 12 13.40 -9.64 -8.27
C LEU A 12 11.94 -9.48 -8.68
N ILE A 13 11.15 -8.87 -7.82
CA ILE A 13 9.76 -8.65 -8.14
C ILE A 13 9.68 -7.55 -9.19
N THR A 14 8.94 -7.81 -10.26
CA THR A 14 8.76 -6.82 -11.32
C THR A 14 7.29 -6.79 -11.71
N MET A 15 6.93 -5.89 -12.62
CA MET A 15 5.54 -5.79 -13.06
C MET A 15 5.04 -7.16 -13.55
N ASP A 16 5.97 -8.04 -13.88
CA ASP A 16 5.63 -9.37 -14.37
C ASP A 16 5.05 -10.24 -13.25
N ASP A 17 5.31 -9.85 -12.00
CA ASP A 17 4.81 -10.62 -10.85
C ASP A 17 3.52 -10.05 -10.29
N ILE A 18 3.14 -8.86 -10.75
CA ILE A 18 1.93 -8.21 -10.24
C ILE A 18 0.69 -8.62 -11.03
N ILE A 19 -0.24 -9.34 -10.38
CA ILE A 19 -1.46 -9.74 -11.07
C ILE A 19 -2.31 -8.49 -11.29
N ARG A 20 -3.12 -8.51 -12.33
CA ARG A 20 -3.95 -7.36 -12.66
C ARG A 20 -5.45 -7.59 -12.51
N GLU A 21 -6.20 -6.51 -12.67
CA GLU A 21 -7.66 -6.53 -12.59
C GLU A 21 -8.16 -7.68 -13.44
N GLY A 22 -8.86 -8.62 -12.81
CA GLY A 22 -9.38 -9.76 -13.55
C GLY A 22 -9.09 -11.04 -12.80
N ASN A 23 -7.88 -11.13 -12.26
CA ASN A 23 -7.49 -12.29 -11.49
C ASN A 23 -8.34 -12.26 -10.21
N PRO A 24 -9.07 -13.35 -9.94
CA PRO A 24 -9.93 -13.46 -8.76
C PRO A 24 -9.22 -13.29 -7.41
N THR A 25 -7.90 -13.48 -7.40
CA THR A 25 -7.15 -13.34 -6.15
C THR A 25 -7.24 -11.91 -5.60
N LEU A 26 -7.31 -10.94 -6.50
CA LEU A 26 -7.44 -9.54 -6.11
C LEU A 26 -8.72 -9.29 -5.33
N ARG A 27 -9.76 -10.06 -5.63
CA ARG A 27 -11.04 -9.92 -4.96
C ARG A 27 -11.31 -10.91 -3.82
N ALA A 28 -10.33 -11.76 -3.54
CA ALA A 28 -10.50 -12.71 -2.46
C ALA A 28 -10.15 -12.03 -1.15
N VAL A 29 -10.44 -12.68 -0.03
CA VAL A 29 -10.10 -12.13 1.26
C VAL A 29 -8.83 -12.85 1.71
N ALA A 30 -7.71 -12.13 1.73
CA ALA A 30 -6.44 -12.73 2.13
C ALA A 30 -6.56 -13.36 3.51
N LYS A 31 -5.90 -14.50 3.68
CA LYS A 31 -5.92 -15.22 4.95
C LYS A 31 -4.86 -14.67 5.89
N GLU A 32 -5.15 -14.68 7.19
CA GLU A 32 -4.21 -14.19 8.19
C GLU A 32 -2.95 -15.05 8.14
N VAL A 33 -1.84 -14.52 8.64
CA VAL A 33 -0.59 -15.28 8.63
C VAL A 33 -0.39 -15.88 10.01
N SER A 34 0.13 -17.11 10.05
CA SER A 34 0.37 -17.80 11.30
C SER A 34 1.47 -17.14 12.12
N LEU A 35 1.37 -17.27 13.44
CA LEU A 35 2.37 -16.74 14.35
C LEU A 35 2.93 -17.89 15.19
N PRO A 36 4.24 -17.92 15.43
CA PRO A 36 5.23 -16.94 14.95
C PRO A 36 5.40 -17.01 13.44
N LEU A 37 5.87 -15.91 12.86
CA LEU A 37 6.06 -15.82 11.42
C LEU A 37 7.03 -16.87 10.87
N CYS A 38 6.59 -17.60 9.86
CA CYS A 38 7.44 -18.60 9.25
C CYS A 38 8.35 -17.93 8.22
N ASP A 39 9.48 -18.57 7.92
CA ASP A 39 10.45 -18.06 6.98
C ASP A 39 9.82 -17.50 5.70
N GLU A 40 9.02 -18.33 5.02
CA GLU A 40 8.38 -17.91 3.78
C GLU A 40 7.78 -16.51 3.85
N ASP A 41 6.92 -16.27 4.84
CA ASP A 41 6.28 -14.97 5.00
C ASP A 41 7.21 -13.80 5.23
N ILE A 42 8.21 -14.00 6.09
CA ILE A 42 9.16 -12.93 6.37
C ILE A 42 9.95 -12.57 5.12
N LEU A 43 10.38 -13.59 4.39
CA LEU A 43 11.15 -13.35 3.17
C LEU A 43 10.29 -12.63 2.13
N LEU A 44 9.01 -12.96 2.08
CA LEU A 44 8.13 -12.32 1.12
C LEU A 44 8.02 -10.83 1.43
N GLY A 45 7.84 -10.52 2.71
CA GLY A 45 7.73 -9.14 3.13
C GLY A 45 8.92 -8.32 2.68
N GLU A 46 10.12 -8.87 2.92
CA GLU A 46 11.35 -8.19 2.54
C GLU A 46 11.39 -7.98 1.02
N LYS A 47 10.97 -9.00 0.27
CA LYS A 47 10.94 -8.89 -1.19
C LYS A 47 9.99 -7.76 -1.60
N MET A 48 8.93 -7.58 -0.82
CA MET A 48 7.96 -6.54 -1.12
C MET A 48 8.54 -5.18 -0.80
N MET A 49 9.23 -5.07 0.33
CA MET A 49 9.84 -3.81 0.70
C MET A 49 10.91 -3.43 -0.32
N GLN A 50 11.69 -4.42 -0.74
CA GLN A 50 12.74 -4.20 -1.73
C GLN A 50 12.15 -3.74 -3.07
N PHE A 51 10.99 -4.28 -3.41
CA PHE A 51 10.32 -3.90 -4.65
C PHE A 51 10.01 -2.41 -4.59
N LEU A 52 9.39 -1.98 -3.49
CA LEU A 52 9.04 -0.57 -3.31
C LEU A 52 10.27 0.30 -3.41
N LYS A 53 11.35 -0.08 -2.71
CA LYS A 53 12.58 0.68 -2.73
C LYS A 53 13.11 0.82 -4.16
N HIS A 54 13.05 -0.26 -4.93
CA HIS A 54 13.51 -0.23 -6.32
C HIS A 54 12.60 0.68 -7.17
N SER A 55 11.30 0.67 -6.87
CA SER A 55 10.36 1.48 -7.64
C SER A 55 10.57 2.98 -7.40
N GLN A 56 11.06 3.33 -6.22
CA GLN A 56 11.30 4.72 -5.90
C GLN A 56 12.72 5.18 -6.27
N ASP A 57 13.53 4.25 -6.76
CA ASP A 57 14.89 4.58 -7.20
C ASP A 57 14.71 4.92 -8.68
N PRO A 58 14.68 6.22 -9.01
CA PRO A 58 14.51 6.66 -10.39
C PRO A 58 15.30 5.89 -11.45
N VAL A 59 16.58 5.65 -11.18
CA VAL A 59 17.40 4.91 -12.14
C VAL A 59 16.96 3.46 -12.20
N MET A 60 16.82 2.83 -11.03
CA MET A 60 16.40 1.43 -10.96
C MET A 60 15.01 1.24 -11.54
N ALA A 61 14.09 2.12 -11.18
CA ALA A 61 12.72 2.03 -11.67
C ALA A 61 12.74 2.15 -13.19
N GLU A 62 13.56 3.07 -13.68
CA GLU A 62 13.69 3.29 -15.11
C GLU A 62 14.28 2.05 -15.77
N LYS A 63 15.28 1.46 -15.14
CA LYS A 63 15.91 0.26 -15.68
C LYS A 63 14.96 -0.93 -15.70
N LEU A 64 14.26 -1.16 -14.60
CA LEU A 64 13.34 -2.27 -14.48
C LEU A 64 11.95 -2.01 -15.07
N GLY A 65 11.67 -0.76 -15.39
CA GLY A 65 10.37 -0.43 -15.95
C GLY A 65 9.29 -0.57 -14.90
N LEU A 66 9.56 -0.04 -13.70
CA LEU A 66 8.60 -0.13 -12.62
C LEU A 66 7.89 1.18 -12.42
N ARG A 67 6.70 1.11 -11.82
CA ARG A 67 5.91 2.30 -11.54
C ARG A 67 6.21 2.64 -10.07
N ALA A 68 6.56 3.88 -9.79
CA ALA A 68 6.83 4.29 -8.41
C ALA A 68 5.61 3.96 -7.56
N GLY A 69 5.83 3.21 -6.48
CA GLY A 69 4.73 2.84 -5.62
C GLY A 69 5.09 3.10 -4.17
N VAL A 70 4.10 3.39 -3.35
CA VAL A 70 4.36 3.68 -1.94
C VAL A 70 3.78 2.63 -1.00
N GLY A 71 3.35 1.51 -1.58
CA GLY A 71 2.79 0.42 -0.79
C GLY A 71 2.53 -0.79 -1.67
N LEU A 72 2.37 -1.95 -1.06
CA LEU A 72 2.09 -3.19 -1.80
C LEU A 72 1.55 -4.24 -0.85
N ALA A 73 0.61 -5.05 -1.32
CA ALA A 73 0.03 -6.11 -0.50
C ALA A 73 0.29 -7.47 -1.14
N ALA A 74 0.47 -8.49 -0.31
CA ALA A 74 0.73 -9.85 -0.81
C ALA A 74 -0.20 -10.27 -1.96
N PRO A 75 -1.52 -10.07 -1.81
CA PRO A 75 -2.44 -10.46 -2.89
C PRO A 75 -2.07 -9.94 -4.28
N GLN A 76 -1.47 -8.76 -4.34
CA GLN A 76 -1.07 -8.18 -5.62
C GLN A 76 0.01 -8.97 -6.36
N ILE A 77 0.73 -9.81 -5.62
CA ILE A 77 1.77 -10.63 -6.24
C ILE A 77 1.29 -12.08 -6.17
N ASP A 78 -0.03 -12.22 -6.20
CA ASP A 78 -0.73 -13.50 -6.20
C ASP A 78 -0.57 -14.37 -4.96
N VAL A 79 -0.39 -13.76 -3.80
CA VAL A 79 -0.27 -14.50 -2.56
C VAL A 79 -1.33 -13.97 -1.60
N SER A 80 -2.42 -14.74 -1.47
CA SER A 80 -3.53 -14.34 -0.62
C SER A 80 -3.26 -14.44 0.87
N LYS A 81 -2.34 -13.61 1.36
CA LYS A 81 -2.00 -13.57 2.78
C LYS A 81 -2.07 -12.11 3.25
N ARG A 82 -2.35 -11.93 4.55
CA ARG A 82 -2.47 -10.59 5.10
C ARG A 82 -1.13 -9.96 5.42
N ILE A 83 -0.38 -9.66 4.37
CA ILE A 83 0.95 -9.06 4.47
C ILE A 83 1.00 -7.80 3.59
N ILE A 84 1.40 -6.68 4.17
CA ILE A 84 1.49 -5.44 3.41
C ILE A 84 2.80 -4.70 3.72
N ALA A 85 3.27 -3.97 2.72
CA ALA A 85 4.48 -3.18 2.87
C ALA A 85 4.17 -1.73 2.51
N VAL A 86 4.67 -0.79 3.32
CA VAL A 86 4.46 0.62 3.04
C VAL A 86 5.80 1.34 3.03
N LEU A 87 5.95 2.29 2.12
CA LEU A 87 7.17 3.06 2.00
C LEU A 87 6.75 4.44 1.53
N VAL A 88 6.34 5.27 2.49
CA VAL A 88 5.89 6.60 2.18
C VAL A 88 7.04 7.59 2.28
N PRO A 89 7.38 8.22 1.14
CA PRO A 89 8.47 9.19 1.06
C PRO A 89 8.12 10.62 1.43
N ASN A 90 9.12 11.34 1.93
CA ASN A 90 8.94 12.76 2.26
C ASN A 90 9.20 13.49 0.96
N LEU A 91 8.60 14.66 0.77
CA LEU A 91 8.83 15.41 -0.45
C LEU A 91 9.81 16.54 -0.16
N PRO A 92 10.32 17.20 -1.21
CA PRO A 92 11.28 18.30 -1.04
C PRO A 92 10.54 19.51 -0.45
N ASP A 93 11.28 20.46 0.10
CA ASP A 93 10.63 21.64 0.65
C ASP A 93 10.32 22.62 -0.47
N LYS A 94 9.69 23.73 -0.10
CA LYS A 94 9.30 24.78 -1.05
C LYS A 94 10.48 25.33 -1.83
N GLU A 95 11.64 25.37 -1.19
CA GLU A 95 12.84 25.89 -1.82
C GLU A 95 13.42 24.91 -2.83
N GLY A 96 13.03 23.65 -2.75
CA GLY A 96 13.53 22.65 -3.66
C GLY A 96 14.56 21.73 -3.03
N ASN A 97 14.91 21.99 -1.77
CA ASN A 97 15.89 21.15 -1.09
C ASN A 97 15.31 19.75 -0.90
N PRO A 98 16.16 18.72 -0.93
CA PRO A 98 15.68 17.35 -0.76
C PRO A 98 15.23 17.20 0.70
N PRO A 99 14.27 16.30 0.97
CA PRO A 99 13.83 16.13 2.36
C PRO A 99 14.98 15.65 3.24
N LYS A 100 14.99 16.09 4.49
CA LYS A 100 16.04 15.68 5.42
C LYS A 100 16.09 14.16 5.52
N GLU A 101 14.92 13.52 5.49
CA GLU A 101 14.81 12.07 5.57
C GLU A 101 13.98 11.54 4.38
N ALA A 102 14.58 10.66 3.60
CA ALA A 102 13.92 10.10 2.42
C ALA A 102 12.51 9.57 2.67
N TYR A 103 12.34 8.80 3.74
CA TYR A 103 11.04 8.23 4.04
C TYR A 103 10.35 8.75 5.28
N SER A 104 9.04 8.90 5.17
CA SER A 104 8.21 9.37 6.25
C SER A 104 7.74 8.17 7.05
N TRP A 105 7.58 7.03 6.37
CA TRP A 105 7.14 5.81 7.03
C TRP A 105 7.59 4.60 6.23
N GLN A 106 8.28 3.69 6.90
CA GLN A 106 8.79 2.48 6.26
C GLN A 106 8.45 1.28 7.14
N GLU A 107 7.59 0.39 6.64
CA GLU A 107 7.20 -0.75 7.46
C GLU A 107 6.54 -1.88 6.69
N VAL A 108 6.70 -3.08 7.23
CA VAL A 108 6.09 -4.27 6.69
C VAL A 108 5.12 -4.69 7.80
N LEU A 109 3.82 -4.71 7.51
CA LEU A 109 2.85 -5.05 8.53
C LEU A 109 2.23 -6.42 8.32
N TYR A 110 2.15 -7.20 9.39
CA TYR A 110 1.55 -8.53 9.32
C TYR A 110 0.22 -8.55 10.08
N ASN A 111 -0.82 -9.06 9.43
CA ASN A 111 -2.14 -9.10 10.03
C ASN A 111 -2.55 -7.74 10.61
N PRO A 112 -2.45 -6.67 9.80
CA PRO A 112 -2.82 -5.34 10.27
C PRO A 112 -4.34 -5.22 10.40
N LYS A 113 -4.79 -4.38 11.33
CA LYS A 113 -6.21 -4.20 11.54
C LYS A 113 -6.47 -2.78 12.04
N ILE A 114 -7.54 -2.17 11.53
CA ILE A 114 -7.90 -0.82 11.95
C ILE A 114 -8.82 -0.93 13.15
N VAL A 115 -8.39 -0.38 14.28
CA VAL A 115 -9.13 -0.43 15.53
C VAL A 115 -10.03 0.77 15.80
N SER A 116 -9.63 1.94 15.33
CA SER A 116 -10.42 3.15 15.52
C SER A 116 -10.06 4.18 14.44
N HIS A 117 -10.91 5.17 14.25
CA HIS A 117 -10.64 6.18 13.23
C HIS A 117 -11.37 7.47 13.51
N SER A 118 -10.96 8.50 12.79
CA SER A 118 -11.56 9.82 12.92
C SER A 118 -12.93 9.81 12.26
N VAL A 119 -13.76 10.77 12.64
CA VAL A 119 -15.08 10.89 12.05
C VAL A 119 -14.86 11.48 10.66
N GLN A 120 -13.88 12.38 10.53
CA GLN A 120 -13.59 13.00 9.24
C GLN A 120 -13.01 12.03 8.22
N ASP A 121 -13.31 12.28 6.95
CA ASP A 121 -12.77 11.46 5.88
C ASP A 121 -11.68 12.26 5.18
N ALA A 122 -10.97 11.62 4.26
CA ALA A 122 -9.92 12.31 3.53
C ALA A 122 -9.66 11.61 2.22
N ALA A 123 -9.25 12.39 1.23
CA ALA A 123 -8.91 11.85 -0.09
C ALA A 123 -7.82 12.69 -0.74
N LEU A 124 -6.93 12.01 -1.47
CA LEU A 124 -5.86 12.69 -2.16
C LEU A 124 -6.52 13.51 -3.27
N SER A 125 -6.14 14.79 -3.38
CA SER A 125 -6.73 15.65 -4.40
C SER A 125 -6.56 15.09 -5.80
N ASP A 126 -5.48 14.34 -6.03
CA ASP A 126 -5.20 13.76 -7.33
C ASP A 126 -5.76 12.35 -7.54
N GLY A 127 -6.54 11.85 -6.58
CA GLY A 127 -7.10 10.52 -6.73
C GLY A 127 -6.04 9.47 -6.45
N GLU A 128 -6.32 8.21 -6.78
CA GLU A 128 -5.34 7.15 -6.52
C GLU A 128 -5.10 6.27 -7.73
N GLY A 129 -3.94 5.63 -7.75
CA GLY A 129 -3.58 4.71 -8.82
C GLY A 129 -3.24 3.40 -8.16
N CYS A 130 -3.15 2.33 -8.95
CA CYS A 130 -2.84 1.01 -8.40
C CYS A 130 -2.16 0.22 -9.52
N LEU A 131 -0.98 -0.34 -9.27
CA LEU A 131 -0.31 -1.10 -10.34
C LEU A 131 -1.07 -2.35 -10.75
N SER A 132 -1.99 -2.81 -9.92
CA SER A 132 -2.78 -3.99 -10.27
C SER A 132 -3.91 -3.59 -11.21
N VAL A 133 -4.11 -2.27 -11.36
CA VAL A 133 -5.17 -1.73 -12.22
C VAL A 133 -4.58 -0.99 -13.42
N ASP A 134 -4.74 -1.57 -14.60
CA ASP A 134 -4.20 -0.98 -15.83
C ASP A 134 -5.21 -0.10 -16.55
N ARG A 135 -5.51 1.03 -15.92
CA ARG A 135 -6.47 2.00 -16.44
C ARG A 135 -6.56 3.10 -15.40
N VAL A 136 -7.18 4.21 -15.77
CA VAL A 136 -7.32 5.32 -14.84
C VAL A 136 -8.76 5.52 -14.43
N VAL A 137 -8.99 5.62 -13.14
CA VAL A 137 -10.33 5.84 -12.61
C VAL A 137 -10.24 7.11 -11.78
N GLU A 138 -10.64 8.23 -12.35
CA GLU A 138 -10.56 9.49 -11.64
C GLU A 138 -11.61 9.65 -10.57
N GLY A 139 -11.31 10.49 -9.59
CA GLY A 139 -12.23 10.73 -8.49
C GLY A 139 -11.54 10.66 -7.14
N TYR A 140 -12.25 11.13 -6.13
CA TYR A 140 -11.74 11.11 -4.76
C TYR A 140 -11.98 9.74 -4.15
N VAL A 141 -10.91 9.09 -3.70
CA VAL A 141 -11.03 7.80 -3.04
C VAL A 141 -11.23 8.14 -1.57
N VAL A 142 -12.47 7.97 -1.10
CA VAL A 142 -12.81 8.30 0.27
C VAL A 142 -12.34 7.31 1.33
N ARG A 143 -11.48 7.79 2.21
CA ARG A 143 -10.92 6.99 3.29
C ARG A 143 -11.04 7.75 4.60
N HIS A 144 -10.71 7.10 5.71
CA HIS A 144 -10.77 7.77 7.00
C HIS A 144 -9.61 8.75 7.01
N ALA A 145 -9.81 9.94 7.57
CA ALA A 145 -8.74 10.91 7.63
C ALA A 145 -7.64 10.38 8.55
N ARG A 146 -8.04 9.82 9.69
CA ARG A 146 -7.08 9.27 10.65
C ARG A 146 -7.51 7.87 11.14
N VAL A 147 -6.54 6.97 11.30
CA VAL A 147 -6.82 5.62 11.78
C VAL A 147 -5.75 5.15 12.77
N THR A 148 -6.12 4.18 13.61
CA THR A 148 -5.19 3.59 14.56
C THR A 148 -5.09 2.15 14.09
N VAL A 149 -3.88 1.69 13.82
CA VAL A 149 -3.66 0.33 13.32
C VAL A 149 -2.86 -0.58 14.24
N ASP A 150 -3.35 -1.81 14.40
CA ASP A 150 -2.70 -2.83 15.21
C ASP A 150 -2.16 -3.83 14.23
N TYR A 151 -0.90 -4.22 14.41
CA TYR A 151 -0.28 -5.16 13.50
C TYR A 151 0.92 -5.77 14.18
N TYR A 152 1.54 -6.74 13.51
CA TYR A 152 2.73 -7.40 14.01
C TYR A 152 3.84 -7.17 12.99
N ASP A 153 5.00 -6.72 13.46
CA ASP A 153 6.13 -6.47 12.57
C ASP A 153 6.83 -7.79 12.20
N LYS A 154 7.90 -7.69 11.44
CA LYS A 154 8.66 -8.86 11.00
C LYS A 154 9.30 -9.61 12.17
N GLU A 155 9.54 -8.89 13.27
CA GLU A 155 10.14 -9.50 14.45
C GLU A 155 9.09 -10.34 15.18
N GLY A 156 7.82 -10.05 14.90
CA GLY A 156 6.73 -10.77 15.53
C GLY A 156 6.21 -10.00 16.73
N GLN A 157 6.64 -8.76 16.84
CA GLN A 157 6.20 -7.91 17.94
C GLN A 157 4.94 -7.14 17.56
N GLN A 158 3.95 -7.18 18.44
CA GLN A 158 2.69 -6.51 18.21
C GLN A 158 2.83 -5.00 18.40
N HIS A 159 2.22 -4.24 17.50
CA HIS A 159 2.28 -2.78 17.56
C HIS A 159 0.90 -2.14 17.33
N ARG A 160 0.75 -0.95 17.87
CA ARG A 160 -0.47 -0.17 17.68
C ARG A 160 0.01 1.22 17.32
N ILE A 161 -0.35 1.69 16.13
CA ILE A 161 0.09 3.02 15.70
C ILE A 161 -1.00 3.95 15.22
N LYS A 162 -0.81 5.24 15.43
CA LYS A 162 -1.77 6.25 15.00
C LYS A 162 -1.28 6.90 13.71
N LEU A 163 -2.03 6.72 12.63
CA LEU A 163 -1.67 7.28 11.34
C LEU A 163 -2.63 8.36 10.90
N LYS A 164 -2.11 9.29 10.12
CA LYS A 164 -2.91 10.41 9.61
C LYS A 164 -2.28 10.87 8.30
N GLY A 165 -2.90 11.84 7.66
CA GLY A 165 -2.36 12.33 6.40
C GLY A 165 -2.06 11.24 5.38
N TYR A 166 -0.93 11.39 4.71
CA TYR A 166 -0.52 10.46 3.67
C TYR A 166 -0.36 9.03 4.19
N ASN A 167 0.20 8.88 5.39
CA ASN A 167 0.38 7.55 5.95
C ASN A 167 -0.96 6.81 6.11
N ALA A 168 -1.97 7.50 6.65
CA ALA A 168 -3.29 6.90 6.84
C ALA A 168 -3.89 6.43 5.50
N ILE A 169 -3.77 7.29 4.49
CA ILE A 169 -4.27 6.97 3.14
C ILE A 169 -3.60 5.70 2.60
N VAL A 170 -2.28 5.68 2.58
CA VAL A 170 -1.56 4.51 2.08
C VAL A 170 -1.91 3.21 2.81
N VAL A 171 -1.88 3.22 4.15
CA VAL A 171 -2.19 2.01 4.91
C VAL A 171 -3.57 1.44 4.62
N GLN A 172 -4.56 2.32 4.45
CA GLN A 172 -5.92 1.87 4.16
C GLN A 172 -6.01 1.29 2.76
N HIS A 173 -5.26 1.87 1.83
CA HIS A 173 -5.25 1.38 0.45
C HIS A 173 -4.72 -0.05 0.45
N GLU A 174 -3.69 -0.29 1.26
CA GLU A 174 -3.08 -1.62 1.34
C GLU A 174 -3.98 -2.58 2.10
N ILE A 175 -4.52 -2.14 3.22
CA ILE A 175 -5.41 -3.00 3.99
C ILE A 175 -6.61 -3.39 3.13
N ASP A 176 -7.06 -2.48 2.27
CA ASP A 176 -8.19 -2.79 1.38
C ASP A 176 -7.85 -4.01 0.52
N HIS A 177 -6.61 -4.07 0.05
CA HIS A 177 -6.17 -5.17 -0.80
C HIS A 177 -6.31 -6.54 -0.14
N ILE A 178 -6.03 -6.63 1.15
CA ILE A 178 -6.15 -7.93 1.80
C ILE A 178 -7.58 -8.30 2.13
N ASN A 179 -8.52 -7.41 1.80
CA ASN A 179 -9.93 -7.68 2.03
C ASN A 179 -10.66 -7.75 0.70
N GLY A 180 -9.90 -7.74 -0.38
CA GLY A 180 -10.50 -7.83 -1.72
C GLY A 180 -11.12 -6.54 -2.21
N VAL A 181 -10.69 -5.42 -1.65
CA VAL A 181 -11.20 -4.12 -2.06
C VAL A 181 -10.20 -3.32 -2.90
N LEU A 182 -10.67 -2.79 -4.03
CA LEU A 182 -9.85 -1.96 -4.91
C LEU A 182 -10.26 -0.51 -4.72
N PHE A 183 -9.32 0.41 -4.92
CA PHE A 183 -9.56 1.83 -4.71
C PHE A 183 -10.79 2.42 -5.38
N TYR A 184 -11.06 2.04 -6.63
CA TYR A 184 -12.23 2.61 -7.29
C TYR A 184 -13.54 2.24 -6.60
N ASP A 185 -13.51 1.21 -5.75
CA ASP A 185 -14.69 0.79 -5.00
C ASP A 185 -15.11 1.89 -4.04
N ARG A 186 -14.17 2.79 -3.73
CA ARG A 186 -14.43 3.87 -2.80
C ARG A 186 -14.62 5.22 -3.45
N ILE A 187 -14.84 5.21 -4.76
CA ILE A 187 -15.06 6.44 -5.51
C ILE A 187 -16.55 6.52 -5.83
N ASN A 188 -17.16 7.66 -5.52
CA ASN A 188 -18.59 7.85 -5.79
C ASN A 188 -18.82 7.91 -7.31
N ALA A 189 -19.20 6.77 -7.88
CA ALA A 189 -19.45 6.66 -9.31
C ALA A 189 -20.38 7.71 -9.90
N LYS A 190 -21.41 8.10 -9.15
CA LYS A 190 -22.34 9.11 -9.65
C LYS A 190 -21.80 10.54 -9.57
N ASN A 191 -20.73 10.72 -8.80
CA ASN A 191 -20.12 12.03 -8.61
C ASN A 191 -18.71 11.84 -8.05
N PRO A 192 -17.78 11.34 -8.89
CA PRO A 192 -16.39 11.07 -8.51
C PRO A 192 -15.67 12.10 -7.64
N PHE A 193 -15.93 13.38 -7.85
CA PHE A 193 -15.29 14.41 -7.05
C PHE A 193 -16.22 15.09 -6.07
N GLU A 194 -17.18 14.32 -5.57
CA GLU A 194 -18.14 14.82 -4.59
C GLU A 194 -17.40 15.27 -3.32
N THR A 195 -17.81 16.39 -2.75
CA THR A 195 -17.17 16.89 -1.54
C THR A 195 -18.19 17.15 -0.45
N LYS A 196 -17.68 17.24 0.79
CA LYS A 196 -18.50 17.50 1.97
C LYS A 196 -17.54 18.09 3.01
N GLU A 197 -18.05 18.94 3.90
CA GLU A 197 -17.20 19.56 4.90
C GLU A 197 -16.34 18.55 5.65
N GLU A 198 -16.89 17.38 5.93
CA GLU A 198 -16.18 16.31 6.63
C GLU A 198 -15.10 15.64 5.78
N LEU A 199 -15.03 16.01 4.50
CA LEU A 199 -14.04 15.43 3.60
C LEU A 199 -12.82 16.32 3.36
N LEU A 200 -11.71 15.96 4.00
CA LEU A 200 -10.46 16.69 3.85
C LEU A 200 -9.82 16.31 2.52
N ILE A 201 -9.25 17.28 1.83
CA ILE A 201 -8.59 17.01 0.55
C ILE A 201 -7.11 17.24 0.73
N LEU A 202 -6.32 16.19 0.50
CA LEU A 202 -4.88 16.26 0.69
C LEU A 202 -4.09 16.53 -0.57
N ASP A 203 -3.23 17.55 -0.50
CA ASP A 203 -2.35 17.94 -1.60
C ASP A 203 -0.94 17.53 -1.19
N LEU A 204 -0.31 16.69 -2.00
CA LEU A 204 1.05 16.26 -1.70
C LEU A 204 2.02 17.20 -2.39
N GLU A 205 1.60 17.73 -3.54
CA GLU A 205 2.40 18.66 -4.36
C GLU A 205 3.25 17.89 -5.35
#